data_4LEH
#
_entry.id   4LEH
#
_cell.length_a   109.322
_cell.length_b   109.322
_cell.length_c   118.263
_cell.angle_alpha   90.000
_cell.angle_beta   90.000
_cell.angle_gamma   120.000
#
_symmetry.space_group_name_H-M   'P 31 2 1'
#
loop_
_entity.id
_entity.type
_entity.pdbx_description
1 polymer 'Bile acid 7-alpha dehydratase, BaiE'
2 non-polymer 'ZINC ION'
3 non-polymer 'SULFATE ION'
4 water water
#
_entity_poly.entity_id   1
_entity_poly.type   'polypeptide(L)'
_entity_poly.pdbx_seq_one_letter_code
;(MSE)GSDKIHHHHHHENLYFQG(MSE)TLEERVEALEKELQK(MSE)KDIEAIKELKGKYFRCLDGK(MSE)WDELETT
LSPNIVTSYSNGKLVFHSPKEVTDYLKST(MSE)PKEEIS(MSE)H(MSE)GHTPEITIDSETTATGRWYLEDKLIFTDG
KYKDVGINGGAFYTDKYEKIEGQWYILETGYVRIYEEHF(MSE)RDPKIHIT(MSE)N(MSE)HK
;
_entity_poly.pdbx_strand_id   A,B,C
#
loop_
_chem_comp.id
_chem_comp.type
_chem_comp.name
_chem_comp.formula
SO4 non-polymer 'SULFATE ION' 'O4 S -2'
ZN non-polymer 'ZINC ION' 'Zn 2'
#
# COMPACT_ATOMS: atom_id res chain seq x y z
N GLY A 19 -16.81 36.75 11.63
CA GLY A 19 -17.14 35.30 11.53
C GLY A 19 -18.07 35.00 10.37
N MSE A 20 -17.97 33.78 9.86
CA MSE A 20 -18.76 33.30 8.74
C MSE A 20 -20.16 32.86 9.20
O MSE A 20 -20.38 32.47 10.34
CB MSE A 20 -18.07 32.10 8.08
CG MSE A 20 -16.55 32.15 7.78
SE MSE A 20 -15.90 30.39 7.09
CE MSE A 20 -16.45 30.64 5.21
N THR A 21 -21.16 32.91 8.30
CA THR A 21 -22.52 32.43 8.60
C THR A 21 -22.55 30.92 8.55
N LEU A 22 -23.66 30.36 9.00
CA LEU A 22 -23.88 28.91 8.88
C LEU A 22 -23.87 28.47 7.43
N GLU A 23 -24.59 29.19 6.57
CA GLU A 23 -24.68 28.81 5.16
C GLU A 23 -23.32 28.79 4.52
N GLU A 24 -22.51 29.80 4.83
CA GLU A 24 -21.14 29.85 4.35
C GLU A 24 -20.30 28.69 4.84
N ARG A 25 -20.50 28.28 6.11
CA ARG A 25 -19.72 27.20 6.72
C ARG A 25 -20.10 25.87 6.13
N VAL A 26 -21.39 25.71 5.85
CA VAL A 26 -21.86 24.53 5.16
C VAL A 26 -21.29 24.46 3.76
N GLU A 27 -21.34 25.57 3.03
CA GLU A 27 -20.79 25.57 1.67
C GLU A 27 -19.33 25.16 1.68
N ALA A 28 -18.58 25.64 2.65
CA ALA A 28 -17.16 25.27 2.81
C ALA A 28 -17.00 23.79 3.03
N LEU A 29 -17.82 23.23 3.91
CA LEU A 29 -17.79 21.80 4.17
C LEU A 29 -18.15 21.00 2.92
N GLU A 30 -19.14 21.46 2.17
CA GLU A 30 -19.50 20.78 0.92
C GLU A 30 -18.27 20.65 0.02
N LYS A 31 -17.56 21.73 -0.23
CA LYS A 31 -16.40 21.72 -1.11
C LYS A 31 -15.24 20.91 -0.54
N GLU A 32 -14.96 21.07 0.75
CA GLU A 32 -13.84 20.36 1.39
C GLU A 32 -14.06 18.84 1.39
N LEU A 33 -15.30 18.45 1.61
CA LEU A 33 -15.63 17.05 1.59
C LEU A 33 -15.56 16.50 0.18
N GLN A 34 -15.96 17.29 -0.81
CA GLN A 34 -15.85 16.83 -2.19
C GLN A 34 -14.39 16.48 -2.53
N LYS A 35 -13.45 17.29 -2.03
CA LYS A 35 -12.05 16.98 -2.27
C LYS A 35 -11.67 15.63 -1.70
N MSE A 36 -12.09 15.36 -0.45
CA MSE A 36 -11.80 14.07 0.19
C MSE A 36 -12.44 12.94 -0.57
O MSE A 36 -11.82 11.89 -0.76
CB MSE A 36 -12.18 14.03 1.68
CG MSE A 36 -11.41 15.03 2.55
SE MSE A 36 -9.49 14.56 2.69
CE MSE A 36 -8.88 16.29 1.84
N LYS A 37 -13.66 13.16 -1.08
CA LYS A 37 -14.34 12.14 -1.90
C LYS A 37 -13.58 11.89 -3.18
N ASP A 38 -13.13 12.96 -3.82
CA ASP A 38 -12.38 12.85 -5.07
C ASP A 38 -11.06 12.07 -4.87
N ILE A 39 -10.39 12.34 -3.76
CA ILE A 39 -9.16 11.63 -3.47
C ILE A 39 -9.45 10.12 -3.34
N GLU A 40 -10.48 9.74 -2.60
CA GLU A 40 -10.78 8.32 -2.45
C GLU A 40 -11.05 7.74 -3.83
N ALA A 41 -11.88 8.42 -4.62
CA ALA A 41 -12.21 7.94 -5.96
C ALA A 41 -10.98 7.71 -6.83
N ILE A 42 -9.96 8.57 -6.69
CA ILE A 42 -8.75 8.42 -7.47
C ILE A 42 -7.95 7.20 -7.01
N LYS A 43 -7.82 7.02 -5.70
CA LYS A 43 -7.19 5.82 -5.17
C LYS A 43 -7.93 4.58 -5.67
N GLU A 44 -9.26 4.59 -5.60
CA GLU A 44 -10.04 3.47 -6.08
C GLU A 44 -9.78 3.24 -7.56
N LEU A 45 -9.65 4.32 -8.32
CA LEU A 45 -9.41 4.23 -9.75
C LEU A 45 -8.11 3.50 -10.01
N LYS A 46 -7.06 3.95 -9.36
CA LYS A 46 -5.76 3.39 -9.60
C LYS A 46 -5.74 1.90 -9.14
N GLY A 47 -6.50 1.58 -8.08
CA GLY A 47 -6.60 0.18 -7.62
C GLY A 47 -7.19 -0.74 -8.66
N LYS A 48 -8.26 -0.27 -9.29
CA LYS A 48 -8.86 -0.94 -10.42
C LYS A 48 -7.87 -1.08 -11.56
N TYR A 49 -7.14 0.00 -11.85
CA TYR A 49 -6.20 -0.03 -12.97
C TYR A 49 -5.21 -1.18 -12.79
N PHE A 50 -4.55 -1.25 -11.64
CA PHE A 50 -3.59 -2.30 -11.43
C PHE A 50 -4.23 -3.68 -11.48
N ARG A 51 -5.40 -3.80 -10.85
CA ARG A 51 -6.08 -5.09 -10.78
C ARG A 51 -6.40 -5.64 -12.18
N CYS A 52 -6.98 -4.77 -13.00
CA CYS A 52 -7.35 -5.14 -14.37
C CYS A 52 -6.12 -5.43 -15.26
N LEU A 53 -5.04 -4.68 -15.07
CA LEU A 53 -3.79 -4.89 -15.81
C LEU A 53 -3.12 -6.24 -15.53
N ASP A 54 -3.01 -6.56 -14.25
CA ASP A 54 -2.30 -7.74 -13.85
C ASP A 54 -3.12 -9.03 -14.04
N GLY A 55 -4.44 -8.87 -14.04
CA GLY A 55 -5.37 -9.94 -14.37
C GLY A 55 -5.90 -9.88 -15.79
N LYS A 56 -5.32 -9.00 -16.62
CA LYS A 56 -5.56 -9.04 -18.07
C LYS A 56 -7.04 -8.89 -18.49
N MSE A 57 -7.83 -8.17 -17.68
CA MSE A 57 -9.22 -7.87 -18.01
C MSE A 57 -9.19 -6.57 -18.77
O MSE A 57 -9.42 -5.53 -18.21
CB MSE A 57 -10.09 -7.81 -16.77
CG MSE A 57 -10.34 -9.22 -16.25
SE MSE A 57 -10.23 -9.05 -14.30
CE MSE A 57 -10.75 -10.94 -14.00
N TRP A 58 -8.96 -6.67 -20.06
CA TRP A 58 -8.64 -5.50 -20.86
C TRP A 58 -9.82 -4.57 -21.08
N ASP A 59 -11.00 -5.12 -21.28
CA ASP A 59 -12.20 -4.31 -21.46
C ASP A 59 -12.47 -3.45 -20.24
N GLU A 60 -12.35 -4.07 -19.07
CA GLU A 60 -12.50 -3.36 -17.80
C GLU A 60 -11.43 -2.25 -17.65
N LEU A 61 -10.18 -2.59 -17.96
CA LEU A 61 -9.09 -1.63 -17.86
C LEU A 61 -9.34 -0.39 -18.72
N GLU A 62 -9.86 -0.60 -19.92
CA GLU A 62 -10.17 0.50 -20.84
C GLU A 62 -11.04 1.57 -20.16
N THR A 63 -11.93 1.17 -19.25
CA THR A 63 -12.82 2.12 -18.55
C THR A 63 -12.11 3.05 -17.56
N THR A 64 -10.85 2.80 -17.23
CA THR A 64 -10.11 3.68 -16.31
C THR A 64 -9.45 4.85 -17.01
N LEU A 65 -9.55 4.92 -18.34
CA LEU A 65 -8.75 5.84 -19.11
C LEU A 65 -9.61 6.93 -19.69
N SER A 66 -9.14 8.17 -19.57
CA SER A 66 -9.83 9.30 -20.20
C SER A 66 -9.91 9.12 -21.71
N PRO A 67 -11.05 9.47 -22.34
CA PRO A 67 -11.05 9.61 -23.79
C PRO A 67 -9.96 10.56 -24.34
N ASN A 68 -9.60 11.59 -23.57
CA ASN A 68 -8.60 12.58 -23.98
C ASN A 68 -7.17 12.19 -23.63
N ILE A 69 -6.99 10.94 -23.22
CA ILE A 69 -5.69 10.42 -22.81
C ILE A 69 -4.59 10.63 -23.86
N VAL A 70 -3.41 10.93 -23.37
CA VAL A 70 -2.18 11.01 -24.15
C VAL A 70 -1.05 10.55 -23.23
N THR A 71 -0.39 9.45 -23.57
CA THR A 71 0.77 8.96 -22.82
C THR A 71 1.69 8.10 -23.69
N SER A 72 2.90 7.82 -23.20
CA SER A 72 3.97 7.24 -24.02
C SER A 72 4.69 6.02 -23.39
N TYR A 73 5.39 5.27 -24.25
CA TYR A 73 6.03 3.98 -23.91
C TYR A 73 7.29 3.72 -24.79
N SER A 74 8.04 2.65 -24.49
CA SER A 74 9.34 2.30 -25.14
C SER A 74 10.36 3.45 -25.08
N ASN A 75 10.42 4.09 -23.90
CA ASN A 75 11.23 5.29 -23.60
C ASN A 75 10.88 6.50 -24.45
N GLY A 76 9.58 6.75 -24.60
CA GLY A 76 9.09 7.79 -25.51
C GLY A 76 8.97 7.39 -26.99
N LYS A 77 9.48 6.23 -27.40
CA LYS A 77 9.44 5.80 -28.84
C LYS A 77 7.97 5.66 -29.34
N LEU A 78 7.05 5.17 -28.50
CA LEU A 78 5.63 4.98 -28.88
C LEU A 78 4.65 5.87 -28.05
N VAL A 79 3.78 6.65 -28.71
CA VAL A 79 2.80 7.58 -28.05
C VAL A 79 1.37 7.29 -28.53
N PHE A 80 0.43 7.10 -27.59
CA PHE A 80 -0.98 6.73 -27.89
C PHE A 80 -1.98 7.80 -27.46
N HIS A 81 -3.08 7.92 -28.22
CA HIS A 81 -4.01 9.08 -28.12
C HIS A 81 -5.46 8.74 -27.71
N SER A 82 -5.77 7.46 -27.48
CA SER A 82 -7.12 7.05 -26.98
C SER A 82 -7.07 5.84 -26.02
N PRO A 83 -8.21 5.53 -25.34
CA PRO A 83 -8.25 4.32 -24.49
C PRO A 83 -8.08 3.03 -25.29
N LYS A 84 -8.80 2.91 -26.42
CA LYS A 84 -8.62 1.82 -27.38
C LYS A 84 -7.14 1.57 -27.64
N GLU A 85 -6.46 2.62 -28.12
CA GLU A 85 -5.07 2.55 -28.54
C GLU A 85 -4.15 2.04 -27.45
N VAL A 86 -4.38 2.51 -26.23
CA VAL A 86 -3.51 2.18 -25.12
C VAL A 86 -3.73 0.75 -24.69
N THR A 87 -5.01 0.38 -24.49
CA THR A 87 -5.38 -0.95 -24.02
C THR A 87 -4.86 -2.02 -25.00
N ASP A 88 -5.17 -1.84 -26.29
CA ASP A 88 -4.55 -2.63 -27.39
C ASP A 88 -3.05 -2.86 -27.21
N TYR A 89 -2.32 -1.77 -26.91
CA TYR A 89 -0.86 -1.82 -26.78
C TYR A 89 -0.43 -2.63 -25.56
N LEU A 90 -0.95 -2.26 -24.39
CA LEU A 90 -0.60 -2.95 -23.14
C LEU A 90 -0.79 -4.45 -23.28
N LYS A 91 -1.96 -4.81 -23.83
CA LYS A 91 -2.29 -6.19 -24.14
C LYS A 91 -1.19 -6.88 -24.99
N SER A 92 -0.62 -6.17 -25.96
CA SER A 92 0.48 -6.72 -26.76
C SER A 92 1.76 -6.99 -25.95
N THR A 93 2.02 -6.19 -24.91
CA THR A 93 3.22 -6.37 -24.04
C THR A 93 2.99 -7.22 -22.81
N MSE A 94 1.76 -7.74 -22.67
CA MSE A 94 1.36 -8.46 -21.45
C MSE A 94 0.62 -9.72 -21.83
O MSE A 94 -0.53 -9.93 -21.38
CB MSE A 94 0.46 -7.53 -20.62
CG MSE A 94 1.08 -6.27 -20.05
SE MSE A 94 2.03 -6.78 -18.45
CE MSE A 94 3.57 -5.57 -18.82
N PRO A 95 1.24 -10.59 -22.66
CA PRO A 95 0.56 -11.83 -23.06
C PRO A 95 0.38 -12.85 -21.93
N LYS A 96 -0.49 -13.83 -22.18
CA LYS A 96 -0.76 -14.94 -21.25
C LYS A 96 0.50 -15.52 -20.57
N GLU A 97 1.58 -15.71 -21.35
CA GLU A 97 2.86 -16.26 -20.89
C GLU A 97 3.54 -15.45 -19.77
N GLU A 98 3.15 -14.18 -19.61
CA GLU A 98 3.80 -13.24 -18.70
C GLU A 98 2.90 -12.93 -17.50
N ILE A 99 3.34 -13.36 -16.32
CA ILE A 99 2.70 -12.99 -15.06
C ILE A 99 3.20 -11.61 -14.67
N SER A 100 2.28 -10.67 -14.39
CA SER A 100 2.65 -9.28 -14.03
C SER A 100 2.10 -9.03 -12.66
N MSE A 101 2.88 -8.32 -11.84
CA MSE A 101 2.41 -7.71 -10.58
C MSE A 101 2.93 -6.30 -10.50
O MSE A 101 4.13 -6.09 -10.47
CB MSE A 101 2.85 -8.53 -9.37
CG MSE A 101 1.91 -9.72 -9.21
SE MSE A 101 2.28 -10.66 -7.55
CE MSE A 101 1.58 -9.35 -6.26
N HIS A 102 2.02 -5.33 -10.54
CA HIS A 102 2.33 -3.90 -10.42
C HIS A 102 1.68 -3.41 -9.13
N MSE A 103 2.51 -3.20 -8.12
CA MSE A 103 2.01 -3.06 -6.76
C MSE A 103 2.19 -1.64 -6.37
O MSE A 103 3.32 -1.17 -6.31
CB MSE A 103 2.83 -4.03 -5.90
CG MSE A 103 2.28 -5.43 -6.12
SE MSE A 103 3.52 -6.71 -5.39
CE MSE A 103 5.02 -6.46 -6.62
N GLY A 104 1.08 -0.95 -6.09
CA GLY A 104 1.13 0.47 -5.71
C GLY A 104 1.23 0.74 -4.22
N HIS A 105 2.03 1.74 -3.84
CA HIS A 105 2.23 2.12 -2.42
C HIS A 105 2.19 3.65 -2.14
N THR A 106 1.87 4.00 -0.90
CA THR A 106 2.02 5.35 -0.35
C THR A 106 1.73 6.52 -1.29
N PRO A 107 0.47 6.63 -1.75
CA PRO A 107 0.12 7.66 -2.71
C PRO A 107 0.07 9.04 -2.13
N GLU A 108 0.33 10.03 -2.99
CA GLU A 108 0.24 11.44 -2.65
C GLU A 108 -0.64 12.11 -3.69
N ILE A 109 -1.91 12.31 -3.35
CA ILE A 109 -2.89 12.84 -4.28
C ILE A 109 -3.16 14.30 -3.94
N THR A 110 -3.32 15.11 -4.97
CA THR A 110 -3.56 16.55 -4.84
C THR A 110 -4.67 16.96 -5.79
N ILE A 111 -5.74 17.56 -5.27
CA ILE A 111 -6.84 18.00 -6.12
C ILE A 111 -6.52 19.41 -6.61
N ASP A 112 -6.25 19.52 -7.90
CA ASP A 112 -5.78 20.77 -8.50
C ASP A 112 -6.97 21.69 -8.83
N SER A 113 -8.10 21.11 -9.20
CA SER A 113 -9.34 21.85 -9.44
C SER A 113 -10.52 20.93 -9.19
N GLU A 114 -11.73 21.42 -9.42
CA GLU A 114 -12.91 20.57 -9.24
C GLU A 114 -12.95 19.39 -10.21
N THR A 115 -12.22 19.49 -11.33
CA THR A 115 -12.18 18.43 -12.35
C THR A 115 -10.77 17.93 -12.74
N THR A 116 -9.71 18.40 -12.08
CA THR A 116 -8.36 17.87 -12.36
C THR A 116 -7.60 17.56 -11.10
N ALA A 117 -6.65 16.63 -11.23
CA ALA A 117 -5.81 16.23 -10.11
C ALA A 117 -4.49 15.60 -10.52
N THR A 118 -3.56 15.60 -9.58
CA THR A 118 -2.24 15.01 -9.74
C THR A 118 -2.01 13.99 -8.64
N GLY A 119 -1.38 12.87 -9.00
CA GLY A 119 -1.06 11.84 -8.03
C GLY A 119 0.33 11.27 -8.23
N ARG A 120 1.05 11.09 -7.13
CA ARG A 120 2.30 10.35 -7.14
C ARG A 120 2.03 8.97 -6.56
N TRP A 121 2.71 7.97 -7.11
CA TRP A 121 2.61 6.61 -6.62
C TRP A 121 4.00 5.98 -6.56
N TYR A 122 4.17 5.05 -5.63
CA TYR A 122 5.39 4.27 -5.48
C TYR A 122 5.10 2.82 -5.89
N LEU A 123 5.70 2.41 -7.01
CA LEU A 123 5.48 1.07 -7.60
C LEU A 123 6.64 0.13 -7.37
N GLU A 124 6.39 -1.08 -6.87
CA GLU A 124 7.31 -2.25 -7.00
C GLU A 124 6.66 -3.01 -8.14
N ASP A 125 7.47 -3.52 -9.04
CA ASP A 125 6.94 -4.36 -10.13
C ASP A 125 7.76 -5.64 -10.32
N LYS A 126 7.13 -6.62 -10.94
CA LYS A 126 7.61 -7.98 -10.93
C LYS A 126 7.00 -8.67 -12.14
N LEU A 127 7.86 -9.18 -13.01
CA LEU A 127 7.45 -9.94 -14.21
C LEU A 127 8.10 -11.30 -14.21
N ILE A 128 7.30 -12.31 -14.54
CA ILE A 128 7.74 -13.70 -14.60
C ILE A 128 7.15 -14.32 -15.86
N PHE A 129 8.02 -14.89 -16.70
CA PHE A 129 7.62 -15.54 -17.96
C PHE A 129 7.57 -17.07 -17.79
N THR A 130 6.46 -17.71 -18.14
CA THR A 130 6.21 -19.16 -17.85
C THR A 130 6.35 -20.11 -19.02
N ASP A 131 5.94 -19.67 -20.21
CA ASP A 131 6.12 -20.46 -21.45
C ASP A 131 6.67 -19.49 -22.50
N GLY A 132 6.78 -19.95 -23.74
CA GLY A 132 7.16 -19.08 -24.85
C GLY A 132 8.64 -18.72 -24.90
N LYS A 133 8.97 -17.79 -25.80
CA LYS A 133 10.37 -17.48 -26.15
C LYS A 133 11.24 -16.91 -25.02
N TYR A 134 10.64 -16.27 -24.02
CA TYR A 134 11.41 -15.77 -22.87
C TYR A 134 11.15 -16.56 -21.59
N LYS A 135 10.77 -17.84 -21.70
CA LYS A 135 10.55 -18.70 -20.50
C LYS A 135 11.68 -18.57 -19.46
N ASP A 136 11.31 -18.60 -18.18
CA ASP A 136 12.23 -18.45 -17.02
C ASP A 136 12.89 -17.06 -16.84
N VAL A 137 12.64 -16.10 -17.73
CA VAL A 137 13.14 -14.74 -17.53
C VAL A 137 12.33 -14.08 -16.41
N GLY A 138 13.03 -13.38 -15.52
CA GLY A 138 12.43 -12.63 -14.43
C GLY A 138 12.87 -11.19 -14.52
N ILE A 139 11.95 -10.26 -14.23
CA ILE A 139 12.27 -8.83 -14.18
C ILE A 139 11.62 -8.21 -12.96
N ASN A 140 12.42 -7.47 -12.19
CA ASN A 140 11.95 -6.75 -11.03
C ASN A 140 12.41 -5.32 -11.08
N GLY A 141 11.62 -4.44 -10.46
CA GLY A 141 12.00 -3.04 -10.34
C GLY A 141 11.12 -2.19 -9.44
N GLY A 142 11.41 -0.90 -9.47
CA GLY A 142 10.63 0.10 -8.78
C GLY A 142 10.56 1.41 -9.54
N ALA A 143 9.52 2.19 -9.29
CA ALA A 143 9.34 3.47 -9.96
C ALA A 143 8.52 4.44 -9.13
N PHE A 144 8.84 5.72 -9.30
CA PHE A 144 8.02 6.80 -8.80
C PHE A 144 7.17 7.30 -9.97
N TYR A 145 5.91 6.88 -9.99
CA TYR A 145 4.97 7.35 -10.99
C TYR A 145 4.50 8.76 -10.57
N THR A 146 4.23 9.59 -11.57
CA THR A 146 3.43 10.80 -11.43
C THR A 146 2.31 10.77 -12.48
N ASP A 147 1.06 10.89 -12.02
CA ASP A 147 -0.11 10.81 -12.88
C ASP A 147 -0.86 12.13 -12.88
N LYS A 148 -1.61 12.35 -13.97
CA LYS A 148 -2.64 13.39 -14.01
C LYS A 148 -3.99 12.70 -14.22
N TYR A 149 -5.00 13.20 -13.53
CA TYR A 149 -6.35 12.68 -13.65
C TYR A 149 -7.30 13.79 -14.03
N GLU A 150 -8.43 13.42 -14.65
CA GLU A 150 -9.50 14.37 -14.91
C GLU A 150 -10.87 13.76 -14.67
N LYS A 151 -11.85 14.61 -14.36
CA LYS A 151 -13.18 14.18 -13.97
C LYS A 151 -14.17 14.52 -15.08
N ILE A 152 -14.98 13.54 -15.50
CA ILE A 152 -15.91 13.71 -16.60
C ILE A 152 -17.25 13.08 -16.21
N GLU A 153 -18.32 13.89 -16.23
CA GLU A 153 -19.66 13.47 -15.81
C GLU A 153 -19.61 12.68 -14.49
N GLY A 154 -19.02 13.31 -13.47
CA GLY A 154 -18.97 12.71 -12.13
C GLY A 154 -18.07 11.50 -11.92
N GLN A 155 -17.25 11.15 -12.92
CA GLN A 155 -16.36 9.97 -12.87
C GLN A 155 -14.89 10.39 -13.12
N TRP A 156 -13.95 9.87 -12.34
CA TRP A 156 -12.54 10.13 -12.56
C TRP A 156 -11.91 9.15 -13.55
N TYR A 157 -10.88 9.66 -14.24
CA TYR A 157 -10.21 8.95 -15.30
C TYR A 157 -8.74 9.33 -15.31
N ILE A 158 -7.91 8.38 -15.72
CA ILE A 158 -6.49 8.61 -15.88
C ILE A 158 -6.24 9.33 -17.21
N LEU A 159 -5.47 10.41 -17.13
CA LEU A 159 -5.18 11.28 -18.27
C LEU A 159 -3.74 11.24 -18.75
N GLU A 160 -2.82 11.17 -17.82
CA GLU A 160 -1.41 11.07 -18.13
C GLU A 160 -0.73 10.25 -17.04
N THR A 161 0.29 9.49 -17.41
CA THR A 161 1.03 8.64 -16.50
C THR A 161 2.47 8.77 -16.97
N GLY A 162 3.36 9.01 -16.03
CA GLY A 162 4.78 9.11 -16.32
C GLY A 162 5.49 8.67 -15.07
N TYR A 163 6.76 8.30 -15.20
CA TYR A 163 7.49 7.80 -14.05
C TYR A 163 8.98 8.04 -14.15
N VAL A 164 9.65 7.90 -13.02
CA VAL A 164 11.11 7.80 -12.91
C VAL A 164 11.44 6.39 -12.42
N ARG A 165 12.30 5.67 -13.13
CA ARG A 165 12.76 4.33 -12.69
C ARG A 165 13.67 4.45 -11.52
N ILE A 166 13.42 3.67 -10.49
CA ILE A 166 14.34 3.59 -9.36
C ILE A 166 15.45 2.63 -9.79
N TYR A 167 15.05 1.41 -10.15
CA TYR A 167 15.96 0.40 -10.67
C TYR A 167 15.17 -0.66 -11.46
N GLU A 168 15.89 -1.44 -12.27
CA GLU A 168 15.32 -2.57 -13.00
C GLU A 168 16.41 -3.63 -13.03
N GLU A 169 16.05 -4.86 -12.67
CA GLU A 169 16.99 -5.99 -12.73
C GLU A 169 16.38 -7.07 -13.63
N HIS A 170 17.18 -7.58 -14.57
CA HIS A 170 16.81 -8.70 -15.43
C HIS A 170 17.66 -9.89 -15.00
N PHE A 171 17.09 -11.10 -15.07
CA PHE A 171 17.74 -12.32 -14.60
C PHE A 171 17.05 -13.60 -15.08
N MSE A 172 17.80 -14.69 -15.11
CA MSE A 172 17.26 -16.01 -15.43
C MSE A 172 16.86 -16.68 -14.13
O MSE A 172 17.65 -16.77 -13.19
CB MSE A 172 18.30 -16.85 -16.20
CG MSE A 172 18.43 -16.35 -17.64
SE MSE A 172 16.86 -16.93 -18.67
CE MSE A 172 17.45 -18.81 -18.99
N ARG A 173 15.61 -17.14 -14.05
CA ARG A 173 15.11 -17.85 -12.87
C ARG A 173 15.56 -19.31 -12.86
N ASP A 174 15.61 -19.89 -11.67
CA ASP A 174 15.93 -21.31 -11.51
C ASP A 174 14.78 -22.17 -12.07
N PRO A 175 15.08 -23.11 -13.00
CA PRO A 175 14.03 -24.02 -13.49
C PRO A 175 13.34 -24.86 -12.39
N LYS A 176 14.14 -25.28 -11.39
CA LYS A 176 13.65 -26.08 -10.23
C LYS A 176 12.55 -25.35 -9.39
N ILE A 177 12.27 -24.07 -9.65
CA ILE A 177 11.08 -23.40 -9.09
C ILE A 177 9.78 -23.85 -9.80
N HIS A 178 8.81 -24.36 -9.02
CA HIS A 178 7.50 -24.79 -9.54
C HIS A 178 6.47 -23.71 -9.28
N ILE A 179 5.94 -23.12 -10.36
CA ILE A 179 4.77 -22.25 -10.26
C ILE A 179 3.57 -23.18 -10.09
N THR A 180 3.05 -23.30 -8.87
CA THR A 180 1.95 -24.25 -8.56
C THR A 180 0.54 -23.73 -8.88
N MSE A 181 0.37 -22.42 -9.00
CA MSE A 181 -0.93 -21.85 -9.34
C MSE A 181 -0.68 -20.69 -10.26
O MSE A 181 0.35 -20.02 -10.17
CB MSE A 181 -1.67 -21.46 -8.07
CG MSE A 181 -2.36 -22.66 -7.43
SE MSE A 181 -3.26 -21.92 -5.83
CE MSE A 181 -5.07 -21.87 -6.61
N ASN A 182 -1.65 -20.44 -11.14
CA ASN A 182 -1.52 -19.38 -12.15
C ASN A 182 -2.88 -19.08 -12.79
N MSE A 183 -3.43 -17.89 -12.54
CA MSE A 183 -4.73 -17.48 -13.11
C MSE A 183 -4.77 -17.39 -14.63
O MSE A 183 -5.86 -17.34 -15.19
CB MSE A 183 -5.23 -16.16 -12.52
CG MSE A 183 -4.34 -14.94 -12.81
SE MSE A 183 -5.11 -13.26 -12.11
CE MSE A 183 -6.93 -13.28 -12.81
N HIS A 184 -3.61 -17.39 -15.29
CA HIS A 184 -3.51 -17.20 -16.73
C HIS A 184 -3.41 -18.53 -17.51
N LYS A 185 -2.58 -19.48 -17.03
CA LYS A 185 -2.52 -20.84 -17.59
C LYS A 185 -3.88 -21.48 -17.27
N GLY B 19 -32.75 17.12 20.29
CA GLY B 19 -31.76 17.28 19.19
C GLY B 19 -30.66 18.27 19.51
N MSE B 20 -29.54 18.09 18.83
CA MSE B 20 -28.50 19.11 18.78
C MSE B 20 -28.98 20.19 17.84
O MSE B 20 -29.78 19.93 16.93
CB MSE B 20 -27.21 18.49 18.23
CG MSE B 20 -26.73 17.21 18.93
SE MSE B 20 -26.36 17.48 20.81
CE MSE B 20 -28.00 16.71 21.61
N THR B 21 -28.46 21.40 18.01
CA THR B 21 -28.75 22.50 17.08
C THR B 21 -28.02 22.31 15.76
N LEU B 22 -28.42 23.08 14.76
CA LEU B 22 -27.72 23.10 13.49
C LEU B 22 -26.28 23.54 13.69
N GLU B 23 -26.09 24.61 14.46
CA GLU B 23 -24.75 25.15 14.64
C GLU B 23 -23.85 24.10 15.26
N GLU B 24 -24.40 23.37 16.23
CA GLU B 24 -23.66 22.29 16.87
C GLU B 24 -23.32 21.18 15.91
N ARG B 25 -24.24 20.84 15.01
CA ARG B 25 -24.02 19.78 14.03
C ARG B 25 -23.00 20.17 12.99
N VAL B 26 -23.01 21.44 12.61
CA VAL B 26 -21.98 21.95 11.72
C VAL B 26 -20.63 21.91 12.40
N GLU B 27 -20.56 22.40 13.63
CA GLU B 27 -19.27 22.40 14.33
C GLU B 27 -18.73 20.98 14.40
N ALA B 28 -19.60 20.01 14.64
CA ALA B 28 -19.19 18.60 14.68
C ALA B 28 -18.58 18.17 13.36
N LEU B 29 -19.26 18.52 12.27
CA LEU B 29 -18.76 18.18 10.94
C LEU B 29 -17.44 18.84 10.65
N GLU B 30 -17.29 20.09 11.05
CA GLU B 30 -16.01 20.77 10.89
C GLU B 30 -14.87 19.97 11.54
N LYS B 31 -15.05 19.57 12.80
CA LYS B 31 -14.03 18.82 13.54
C LYS B 31 -13.78 17.43 12.96
N GLU B 32 -14.87 16.72 12.64
CA GLU B 32 -14.77 15.35 12.12
C GLU B 32 -14.07 15.32 10.76
N LEU B 33 -14.35 16.32 9.93
CA LEU B 33 -13.69 16.44 8.65
C LEU B 33 -12.23 16.82 8.80
N GLN B 34 -11.92 17.70 9.74
CA GLN B 34 -10.53 18.03 9.99
C GLN B 34 -9.73 16.76 10.33
N LYS B 35 -10.30 15.85 11.11
CA LYS B 35 -9.59 14.60 11.42
C LYS B 35 -9.29 13.82 10.15
N MSE B 36 -10.29 13.68 9.27
N MSE B 36 -10.28 13.69 9.27
CA MSE B 36 -10.08 12.97 8.01
CA MSE B 36 -10.09 13.02 7.99
C MSE B 36 -9.02 13.67 7.18
C MSE B 36 -9.01 13.67 7.19
O MSE B 36 -8.17 13.01 6.57
O MSE B 36 -8.18 13.00 6.58
CB MSE B 36 -11.38 12.74 7.23
CB MSE B 36 -11.37 13.23 7.17
CG MSE B 36 -12.42 11.88 7.96
CG MSE B 36 -12.22 12.08 6.65
SE MSE B 36 -11.82 10.04 8.17
SE MSE B 36 -12.85 12.75 4.89
CE MSE B 36 -11.83 10.04 10.14
CE MSE B 36 -14.40 11.60 4.56
N LYS B 37 -9.02 15.00 7.16
CA LYS B 37 -8.01 15.76 6.44
C LYS B 37 -6.62 15.52 7.02
N ASP B 38 -6.53 15.55 8.34
CA ASP B 38 -5.25 15.30 9.01
C ASP B 38 -4.70 13.89 8.67
N ILE B 39 -5.57 12.91 8.66
CA ILE B 39 -5.15 11.57 8.34
C ILE B 39 -4.55 11.54 6.92
N GLU B 40 -5.24 12.15 5.95
CA GLU B 40 -4.72 12.12 4.57
C GLU B 40 -3.36 12.80 4.59
N ALA B 41 -3.26 13.95 5.24
CA ALA B 41 -1.99 14.67 5.30
C ALA B 41 -0.85 13.83 5.84
N ILE B 42 -1.15 12.98 6.82
CA ILE B 42 -0.13 12.16 7.44
C ILE B 42 0.30 11.06 6.46
N LYS B 43 -0.64 10.43 5.80
CA LYS B 43 -0.32 9.47 4.76
C LYS B 43 0.53 10.14 3.68
N GLU B 44 0.14 11.33 3.23
CA GLU B 44 0.92 12.05 2.21
C GLU B 44 2.32 12.34 2.74
N LEU B 45 2.42 12.69 4.02
CA LEU B 45 3.71 12.99 4.63
C LEU B 45 4.62 11.79 4.52
N LYS B 46 4.11 10.66 4.95
CA LYS B 46 4.91 9.46 4.99
C LYS B 46 5.28 9.04 3.54
N GLY B 47 4.39 9.28 2.58
CA GLY B 47 4.69 9.03 1.18
C GLY B 47 5.89 9.81 0.66
N LYS B 48 5.89 11.08 1.00
CA LYS B 48 7.01 11.95 0.72
C LYS B 48 8.27 11.44 1.42
N TYR B 49 8.15 11.02 2.67
CA TYR B 49 9.32 10.57 3.43
C TYR B 49 10.00 9.42 2.71
N PHE B 50 9.23 8.41 2.36
CA PHE B 50 9.80 7.28 1.64
C PHE B 50 10.40 7.70 0.30
N ARG B 51 9.67 8.52 -0.44
CA ARG B 51 10.10 8.91 -1.76
C ARG B 51 11.45 9.60 -1.69
N CYS B 52 11.55 10.56 -0.78
CA CYS B 52 12.77 11.34 -0.64
C CYS B 52 13.93 10.50 -0.12
N LEU B 53 13.64 9.56 0.77
CA LEU B 53 14.68 8.64 1.30
C LEU B 53 15.28 7.73 0.24
N ASP B 54 14.41 7.14 -0.56
CA ASP B 54 14.84 6.16 -1.51
C ASP B 54 15.45 6.77 -2.75
N GLY B 55 15.09 8.03 -3.00
CA GLY B 55 15.68 8.82 -4.06
C GLY B 55 16.72 9.81 -3.58
N LYS B 56 17.09 9.72 -2.31
CA LYS B 56 18.25 10.46 -1.78
C LYS B 56 18.17 11.98 -1.94
N MSE B 57 16.95 12.53 -1.93
CA MSE B 57 16.74 13.96 -1.96
C MSE B 57 16.70 14.39 -0.53
O MSE B 57 15.64 14.58 0.07
CB MSE B 57 15.48 14.33 -2.72
CG MSE B 57 15.72 14.16 -4.21
SE MSE B 57 14.08 13.39 -4.89
CE MSE B 57 14.64 13.47 -6.79
N TRP B 58 17.88 14.60 0.04
CA TRP B 58 18.03 14.80 1.47
C TRP B 58 17.45 16.11 1.99
N ASP B 59 17.64 17.19 1.24
CA ASP B 59 17.09 18.48 1.63
C ASP B 59 15.56 18.43 1.74
N GLU B 60 14.92 17.79 0.76
CA GLU B 60 13.46 17.59 0.77
C GLU B 60 13.04 16.71 1.95
N LEU B 61 13.76 15.61 2.17
CA LEU B 61 13.46 14.74 3.29
C LEU B 61 13.48 15.47 4.63
N GLU B 62 14.46 16.35 4.82
CA GLU B 62 14.60 17.15 6.05
C GLU B 62 13.28 17.89 6.38
N THR B 63 12.52 18.31 5.36
CA THR B 63 11.23 19.01 5.58
C THR B 63 10.10 18.14 6.19
N THR B 64 10.28 16.83 6.25
CA THR B 64 9.25 15.97 6.81
C THR B 64 9.38 15.82 8.30
N LEU B 65 10.42 16.37 8.89
CA LEU B 65 10.80 16.09 10.27
C LEU B 65 10.55 17.27 11.16
N SER B 66 9.92 17.00 12.32
CA SER B 66 9.67 18.04 13.31
C SER B 66 10.96 18.65 13.79
N PRO B 67 10.99 19.98 14.01
CA PRO B 67 12.15 20.57 14.69
C PRO B 67 12.38 19.94 16.06
N ASN B 68 11.31 19.49 16.70
CA ASN B 68 11.39 18.87 18.03
C ASN B 68 11.64 17.38 18.01
N ILE B 69 12.03 16.86 16.84
CA ILE B 69 12.28 15.43 16.66
C ILE B 69 13.31 14.86 17.63
N VAL B 70 13.04 13.63 18.08
CA VAL B 70 13.95 12.83 18.90
C VAL B 70 13.70 11.40 18.51
N THR B 71 14.72 10.76 17.95
CA THR B 71 14.64 9.32 17.59
C THR B 71 16.02 8.70 17.59
N SER B 72 16.07 7.37 17.58
CA SER B 72 17.32 6.63 17.84
C SER B 72 17.59 5.52 16.83
N TYR B 73 18.85 5.06 16.81
CA TYR B 73 19.39 4.09 15.83
C TYR B 73 20.56 3.27 16.45
N SER B 74 21.11 2.29 15.71
CA SER B 74 22.16 1.32 16.17
C SER B 74 21.78 0.60 17.48
N ASN B 75 20.50 0.17 17.55
CA ASN B 75 19.87 -0.43 18.74
C ASN B 75 19.84 0.46 19.97
N GLY B 76 19.46 1.71 19.75
CA GLY B 76 19.49 2.71 20.82
C GLY B 76 20.86 3.31 21.11
N LYS B 77 21.94 2.80 20.49
CA LYS B 77 23.29 3.35 20.72
C LYS B 77 23.40 4.85 20.30
N LEU B 78 22.77 5.24 19.18
CA LEU B 78 22.83 6.64 18.65
C LEU B 78 21.46 7.35 18.69
N VAL B 79 21.40 8.54 19.30
CA VAL B 79 20.15 9.32 19.43
C VAL B 79 20.34 10.74 18.90
N PHE B 80 19.42 11.17 18.01
CA PHE B 80 19.49 12.47 17.33
C PHE B 80 18.34 13.40 17.71
N HIS B 81 18.62 14.70 17.76
CA HIS B 81 17.72 15.70 18.36
C HIS B 81 17.19 16.79 17.42
N SER B 82 17.58 16.77 16.14
CA SER B 82 17.05 17.73 15.15
C SER B 82 16.87 17.11 13.75
N PRO B 83 16.16 17.82 12.84
CA PRO B 83 16.10 17.35 11.45
C PRO B 83 17.47 17.28 10.77
N LYS B 84 18.29 18.33 10.91
CA LYS B 84 19.68 18.33 10.42
C LYS B 84 20.34 17.03 10.80
N GLU B 85 20.37 16.75 12.11
CA GLU B 85 21.11 15.64 12.67
C GLU B 85 20.70 14.31 12.08
N VAL B 86 19.40 14.16 11.86
CA VAL B 86 18.84 12.90 11.42
C VAL B 86 19.11 12.68 9.96
N THR B 87 18.81 13.71 9.16
CA THR B 87 19.03 13.65 7.74
C THR B 87 20.51 13.34 7.45
N ASP B 88 21.43 14.12 8.05
CA ASP B 88 22.88 13.84 8.03
C ASP B 88 23.18 12.37 8.22
N TYR B 89 22.55 11.78 9.24
CA TYR B 89 22.81 10.40 9.61
C TYR B 89 22.33 9.44 8.54
N LEU B 90 21.05 9.54 8.18
CA LEU B 90 20.48 8.64 7.17
C LEU B 90 21.31 8.64 5.93
N LYS B 91 21.69 9.84 5.50
CA LYS B 91 22.57 10.05 4.35
C LYS B 91 23.85 9.22 4.48
N SER B 92 24.41 9.16 5.69
CA SER B 92 25.62 8.36 5.92
C SER B 92 25.39 6.85 5.75
N THR B 93 24.18 6.37 6.04
CA THR B 93 23.84 4.96 5.87
C THR B 93 23.25 4.61 4.49
N MSE B 94 23.10 5.61 3.62
CA MSE B 94 22.39 5.44 2.34
C MSE B 94 23.15 6.09 1.16
O MSE B 94 22.61 6.94 0.46
CB MSE B 94 21.01 6.10 2.48
CG MSE B 94 20.04 5.49 3.48
SE MSE B 94 19.24 3.97 2.62
CE MSE B 94 19.29 2.90 4.27
N PRO B 95 24.40 5.68 0.93
CA PRO B 95 25.17 6.31 -0.15
C PRO B 95 24.72 5.91 -1.55
N LYS B 96 25.20 6.65 -2.55
CA LYS B 96 24.92 6.38 -3.98
C LYS B 96 24.96 4.87 -4.36
N GLU B 97 25.97 4.16 -3.85
CA GLU B 97 26.19 2.73 -4.13
C GLU B 97 25.03 1.81 -3.70
N GLU B 98 24.15 2.30 -2.83
CA GLU B 98 23.09 1.50 -2.22
C GLU B 98 21.73 1.93 -2.75
N ILE B 99 21.08 1.03 -3.48
CA ILE B 99 19.69 1.19 -3.90
C ILE B 99 18.79 0.80 -2.74
N SER B 100 17.86 1.69 -2.36
CA SER B 100 16.96 1.44 -1.21
C SER B 100 15.57 1.50 -1.75
N MSE B 101 14.74 0.59 -1.26
CA MSE B 101 13.30 0.66 -1.42
C MSE B 101 12.67 0.36 -0.08
O MSE B 101 12.80 -0.72 0.43
CB MSE B 101 12.81 -0.32 -2.46
CG MSE B 101 13.02 0.31 -3.82
SE MSE B 101 12.18 -0.83 -5.15
CE MSE B 101 10.30 -0.48 -4.87
N HIS B 102 11.99 1.37 0.49
CA HIS B 102 11.24 1.25 1.72
C HIS B 102 9.75 1.44 1.40
N MSE B 103 9.02 0.33 1.40
CA MSE B 103 7.71 0.28 0.79
C MSE B 103 6.71 0.19 1.88
O MSE B 103 6.71 -0.77 2.62
CB MSE B 103 7.67 -0.92 -0.12
CG MSE B 103 8.43 -0.58 -1.40
SE MSE B 103 8.76 -2.24 -2.40
CE MSE B 103 10.04 -3.05 -1.21
N GLY B 104 5.85 1.20 1.99
CA GLY B 104 4.83 1.25 3.05
C GLY B 104 3.49 0.67 2.70
N HIS B 105 2.87 -0.05 3.66
CA HIS B 105 1.57 -0.70 3.45
C HIS B 105 0.58 -0.51 4.61
N THR B 106 -0.71 -0.63 4.29
CA THR B 106 -1.80 -0.79 5.26
C THR B 106 -1.61 0.01 6.56
N PRO B 107 -1.64 1.33 6.43
CA PRO B 107 -1.47 2.18 7.60
C PRO B 107 -2.64 2.21 8.53
N GLU B 108 -2.35 2.44 9.81
CA GLU B 108 -3.36 2.63 10.83
C GLU B 108 -3.07 3.93 11.56
N ILE B 109 -3.77 4.99 11.19
CA ILE B 109 -3.52 6.32 11.73
C ILE B 109 -4.61 6.65 12.74
N THR B 110 -4.22 7.32 13.79
CA THR B 110 -5.09 7.73 14.87
C THR B 110 -4.77 9.17 15.27
N ILE B 111 -5.77 10.03 15.21
CA ILE B 111 -5.58 11.42 15.60
C ILE B 111 -5.81 11.51 17.10
N ASP B 112 -4.73 11.76 17.84
CA ASP B 112 -4.76 11.75 19.28
C ASP B 112 -5.26 13.09 19.83
N SER B 113 -4.94 14.19 19.13
CA SER B 113 -5.42 15.53 19.45
C SER B 113 -5.43 16.36 18.19
N GLU B 114 -5.82 17.62 18.31
CA GLU B 114 -5.87 18.50 17.13
C GLU B 114 -4.49 18.72 16.52
N THR B 115 -3.44 18.45 17.30
CA THR B 115 -2.05 18.64 16.87
C THR B 115 -1.13 17.45 17.06
N THR B 116 -1.62 16.31 17.54
CA THR B 116 -0.77 15.12 17.63
C THR B 116 -1.44 13.90 17.06
N ALA B 117 -0.62 12.95 16.63
CA ALA B 117 -1.13 11.70 16.07
C ALA B 117 -0.13 10.56 16.13
N THR B 118 -0.68 9.36 16.03
CA THR B 118 0.08 8.13 16.04
C THR B 118 -0.25 7.36 14.76
N GLY B 119 0.75 6.73 14.18
CA GLY B 119 0.54 5.89 13.00
C GLY B 119 1.34 4.61 13.02
N ARG B 120 0.71 3.52 12.63
CA ARG B 120 1.40 2.26 12.42
C ARG B 120 1.55 2.08 10.92
N TRP B 121 2.66 1.54 10.51
CA TRP B 121 2.91 1.23 9.11
C TRP B 121 3.52 -0.17 8.99
N TYR B 122 3.24 -0.82 7.88
CA TYR B 122 3.80 -2.12 7.53
C TYR B 122 4.81 -1.94 6.37
N LEU B 123 6.09 -2.13 6.70
CA LEU B 123 7.19 -1.90 5.74
C LEU B 123 7.74 -3.20 5.22
N GLU B 124 7.88 -3.33 3.89
CA GLU B 124 8.80 -4.32 3.24
C GLU B 124 9.99 -3.43 2.85
N ASP B 125 11.19 -3.92 3.04
CA ASP B 125 12.37 -3.18 2.64
C ASP B 125 13.34 -4.05 1.88
N LYS B 126 14.19 -3.38 1.11
CA LYS B 126 15.00 -4.04 0.11
C LYS B 126 16.19 -3.14 -0.15
N LEU B 127 17.38 -3.69 0.05
CA LEU B 127 18.63 -2.97 -0.19
C LEU B 127 19.47 -3.78 -1.14
N ILE B 128 20.07 -3.09 -2.10
CA ILE B 128 20.92 -3.68 -3.11
C ILE B 128 22.13 -2.77 -3.27
N PHE B 129 23.32 -3.33 -3.11
CA PHE B 129 24.57 -2.60 -3.27
C PHE B 129 25.16 -2.87 -4.64
N THR B 130 25.49 -1.80 -5.38
CA THR B 130 25.93 -1.92 -6.80
C THR B 130 27.42 -1.76 -7.03
N ASP B 131 28.07 -0.89 -6.27
CA ASP B 131 29.50 -0.65 -6.38
C ASP B 131 30.06 -0.63 -4.98
N GLY B 132 31.35 -0.33 -4.85
CA GLY B 132 31.95 -0.13 -3.53
C GLY B 132 32.18 -1.40 -2.72
N LYS B 133 32.54 -1.20 -1.45
CA LYS B 133 33.04 -2.27 -0.59
C LYS B 133 32.05 -3.41 -0.30
N TYR B 134 30.75 -3.14 -0.38
CA TYR B 134 29.74 -4.20 -0.19
C TYR B 134 29.03 -4.57 -1.50
N LYS B 135 29.67 -4.41 -2.65
CA LYS B 135 29.04 -4.79 -3.94
C LYS B 135 28.40 -6.20 -3.92
N ASP B 136 27.26 -6.33 -4.61
CA ASP B 136 26.46 -7.59 -4.68
C ASP B 136 25.76 -8.03 -3.38
N VAL B 137 25.94 -7.30 -2.27
CA VAL B 137 25.25 -7.65 -1.03
C VAL B 137 23.80 -7.22 -1.18
N GLY B 138 22.91 -8.08 -0.71
CA GLY B 138 21.47 -7.85 -0.77
C GLY B 138 20.91 -8.00 0.62
N ILE B 139 19.98 -7.13 0.99
CA ILE B 139 19.30 -7.20 2.26
C ILE B 139 17.82 -6.97 2.07
N ASN B 140 17.01 -7.87 2.61
CA ASN B 140 15.57 -7.77 2.58
C ASN B 140 14.99 -7.95 3.94
N GLY B 141 13.84 -7.32 4.18
CA GLY B 141 13.15 -7.48 5.44
C GLY B 141 11.78 -6.86 5.51
N GLY B 142 11.24 -6.90 6.72
CA GLY B 142 9.96 -6.30 7.04
C GLY B 142 9.91 -5.78 8.45
N ALA B 143 9.06 -4.78 8.67
CA ALA B 143 8.90 -4.18 9.99
C ALA B 143 7.53 -3.57 10.20
N PHE B 144 7.11 -3.58 11.45
CA PHE B 144 5.95 -2.86 11.88
C PHE B 144 6.49 -1.60 12.52
N TYR B 145 6.39 -0.49 11.78
CA TYR B 145 6.74 0.81 12.33
C TYR B 145 5.58 1.32 13.19
N THR B 146 5.94 2.06 14.22
CA THR B 146 5.00 2.91 14.94
C THR B 146 5.60 4.30 15.04
N ASP B 147 4.85 5.30 14.56
CA ASP B 147 5.30 6.68 14.50
C ASP B 147 4.47 7.58 15.37
N LYS B 148 5.06 8.70 15.78
CA LYS B 148 4.31 9.81 16.37
C LYS B 148 4.49 11.01 15.46
N TYR B 149 3.41 11.76 15.26
CA TYR B 149 3.42 12.95 14.44
C TYR B 149 2.93 14.13 15.25
N GLU B 150 3.34 15.33 14.83
CA GLU B 150 2.81 16.56 15.41
C GLU B 150 2.58 17.62 14.35
N LYS B 151 1.66 18.53 14.63
CA LYS B 151 1.21 19.54 13.67
C LYS B 151 1.68 20.88 14.11
N ILE B 152 2.32 21.62 13.20
CA ILE B 152 2.88 22.92 13.52
C ILE B 152 2.55 23.89 12.41
N GLU B 153 1.89 25.00 12.77
CA GLU B 153 1.45 25.99 11.80
C GLU B 153 0.82 25.32 10.56
N GLY B 154 -0.19 24.49 10.83
CA GLY B 154 -0.97 23.86 9.77
C GLY B 154 -0.32 22.74 8.96
N GLN B 155 0.88 22.34 9.36
CA GLN B 155 1.67 21.35 8.61
C GLN B 155 2.00 20.18 9.55
N TRP B 156 1.86 18.94 9.07
CA TRP B 156 2.27 17.77 9.86
C TRP B 156 3.74 17.40 9.64
N TYR B 157 4.30 16.82 10.68
CA TYR B 157 5.71 16.51 10.77
C TYR B 157 5.91 15.23 11.57
N ILE B 158 6.94 14.49 11.22
CA ILE B 158 7.32 13.28 11.91
C ILE B 158 8.10 13.63 13.16
N LEU B 159 7.68 13.05 14.29
CA LEU B 159 8.25 13.39 15.61
C LEU B 159 9.04 12.26 16.23
N GLU B 160 8.55 11.04 16.06
CA GLU B 160 9.22 9.85 16.57
C GLU B 160 8.89 8.70 15.61
N THR B 161 9.84 7.79 15.46
CA THR B 161 9.71 6.64 14.58
C THR B 161 10.40 5.52 15.32
N GLY B 162 9.73 4.37 15.37
CA GLY B 162 10.25 3.21 16.05
C GLY B 162 9.62 2.03 15.35
N TYR B 163 10.23 0.85 15.48
CA TYR B 163 9.69 -0.32 14.81
C TYR B 163 9.99 -1.62 15.53
N VAL B 164 9.27 -2.67 15.13
CA VAL B 164 9.59 -4.05 15.47
C VAL B 164 9.97 -4.76 14.15
N ARG B 165 11.15 -5.40 14.11
CA ARG B 165 11.57 -6.18 12.93
C ARG B 165 10.76 -7.43 12.83
N ILE B 166 10.25 -7.69 11.64
CA ILE B 166 9.59 -8.96 11.39
C ILE B 166 10.71 -9.95 11.11
N TYR B 167 11.52 -9.62 10.11
CA TYR B 167 12.69 -10.42 9.76
C TYR B 167 13.69 -9.58 8.99
N GLU B 168 14.92 -10.05 8.90
CA GLU B 168 15.96 -9.42 8.06
C GLU B 168 16.80 -10.57 7.50
N GLU B 169 17.02 -10.56 6.19
CA GLU B 169 17.86 -11.57 5.54
C GLU B 169 19.00 -10.84 4.82
N HIS B 170 20.22 -11.31 5.05
CA HIS B 170 21.39 -10.84 4.33
C HIS B 170 21.85 -11.97 3.43
N PHE B 171 22.37 -11.61 2.25
CA PHE B 171 22.78 -12.59 1.24
C PHE B 171 23.65 -11.98 0.15
N MSE B 172 24.42 -12.84 -0.53
CA MSE B 172 25.21 -12.44 -1.70
C MSE B 172 24.35 -12.66 -2.94
O MSE B 172 23.82 -13.74 -3.13
CB MSE B 172 26.53 -13.23 -1.76
CG MSE B 172 27.53 -12.72 -0.73
SE MSE B 172 28.27 -11.00 -1.36
CE MSE B 172 29.61 -11.76 -2.61
N ARG B 173 24.21 -11.61 -3.75
CA ARG B 173 23.47 -11.72 -5.02
C ARG B 173 24.30 -12.34 -6.12
N ASP B 174 23.61 -12.95 -7.08
CA ASP B 174 24.26 -13.58 -8.23
C ASP B 174 24.86 -12.47 -9.12
N PRO B 175 26.17 -12.55 -9.45
CA PRO B 175 26.76 -11.55 -10.36
C PRO B 175 26.09 -11.48 -11.74
N LYS B 176 25.67 -12.64 -12.26
CA LYS B 176 24.96 -12.77 -13.55
C LYS B 176 23.63 -11.97 -13.64
N ILE B 177 23.14 -11.40 -12.53
CA ILE B 177 22.04 -10.40 -12.57
C ILE B 177 22.52 -9.01 -13.05
N HIS B 178 21.87 -8.50 -14.11
CA HIS B 178 22.17 -7.19 -14.68
C HIS B 178 21.16 -6.19 -14.17
N ILE B 179 21.63 -5.21 -13.41
CA ILE B 179 20.83 -4.04 -13.09
C ILE B 179 20.83 -3.16 -14.35
N THR B 180 19.74 -3.16 -15.10
CA THR B 180 19.66 -2.43 -16.36
C THR B 180 19.30 -0.96 -16.23
N MSE B 181 18.71 -0.55 -15.10
CA MSE B 181 18.36 0.87 -14.88
C MSE B 181 18.59 1.21 -13.43
O MSE B 181 18.47 0.34 -12.57
CB MSE B 181 16.93 1.10 -15.31
CG MSE B 181 16.89 1.29 -16.82
SE MSE B 181 15.02 1.44 -17.25
CE MSE B 181 14.98 3.41 -17.47
N ASN B 182 18.94 2.47 -13.18
CA ASN B 182 19.32 2.91 -11.82
C ASN B 182 19.39 4.45 -11.72
N MSE B 183 18.48 5.04 -10.95
CA MSE B 183 18.42 6.51 -10.79
C MSE B 183 19.64 7.13 -10.14
O MSE B 183 19.82 8.34 -10.23
CB MSE B 183 17.15 6.99 -10.06
CG MSE B 183 17.04 6.47 -8.65
SE MSE B 183 15.47 7.17 -7.73
CE MSE B 183 15.64 9.11 -8.08
N HIS B 184 20.48 6.32 -9.51
CA HIS B 184 21.61 6.81 -8.74
C HIS B 184 22.91 6.81 -9.54
N LYS B 185 23.16 5.73 -10.28
CA LYS B 185 24.32 5.67 -11.21
C LYS B 185 24.04 6.66 -12.33
N GLY C 19 -34.22 23.85 -4.65
CA GLY C 19 -33.04 23.78 -3.77
C GLY C 19 -33.36 23.18 -2.41
N MSE C 20 -32.35 22.57 -1.81
CA MSE C 20 -32.49 21.90 -0.52
C MSE C 20 -32.38 22.92 0.62
O MSE C 20 -31.74 23.96 0.48
CB MSE C 20 -31.39 20.85 -0.39
CG MSE C 20 -31.11 19.87 -1.55
SE MSE C 20 -29.55 18.71 -1.12
CE MSE C 20 -30.48 17.38 -0.03
N THR C 21 -32.97 22.61 1.77
CA THR C 21 -32.81 23.46 2.98
C THR C 21 -31.43 23.26 3.58
N LEU C 22 -31.07 24.14 4.52
CA LEU C 22 -29.83 23.95 5.29
C LEU C 22 -29.83 22.65 6.03
N GLU C 23 -30.94 22.35 6.72
CA GLU C 23 -30.98 21.13 7.52
C GLU C 23 -30.78 19.92 6.64
N GLU C 24 -31.40 19.94 5.46
CA GLU C 24 -31.23 18.85 4.50
C GLU C 24 -29.79 18.72 4.01
N ARG C 25 -29.12 19.86 3.79
CA ARG C 25 -27.73 19.85 3.32
C ARG C 25 -26.78 19.35 4.38
N VAL C 26 -27.08 19.70 5.64
CA VAL C 26 -26.31 19.17 6.75
C VAL C 26 -26.52 17.67 6.86
N GLU C 27 -27.77 17.22 6.79
CA GLU C 27 -28.06 15.79 6.89
C GLU C 27 -27.29 15.03 5.82
N ALA C 28 -27.23 15.58 4.61
CA ALA C 28 -26.46 14.97 3.53
C ALA C 28 -24.99 14.85 3.88
N LEU C 29 -24.44 15.94 4.42
CA LEU C 29 -23.04 15.93 4.84
C LEU C 29 -22.77 14.94 5.96
N GLU C 30 -23.68 14.84 6.91
CA GLU C 30 -23.57 13.85 7.97
C GLU C 30 -23.41 12.46 7.36
N LYS C 31 -24.31 12.07 6.46
CA LYS C 31 -24.27 10.74 5.84
C LYS C 31 -23.03 10.52 4.97
N GLU C 32 -22.68 11.52 4.15
CA GLU C 32 -21.53 11.41 3.25
C GLU C 32 -20.23 11.29 4.02
N LEU C 33 -20.13 12.02 5.12
CA LEU C 33 -18.95 11.95 5.97
C LEU C 33 -18.88 10.62 6.70
N GLN C 34 -20.02 10.10 7.15
CA GLN C 34 -20.03 8.81 7.78
C GLN C 34 -19.44 7.75 6.82
N LYS C 35 -19.76 7.83 5.54
CA LYS C 35 -19.21 6.88 4.58
C LYS C 35 -17.68 6.97 4.54
N MSE C 36 -17.15 8.19 4.47
N MSE C 36 -17.16 8.19 4.45
CA MSE C 36 -15.70 8.39 4.46
CA MSE C 36 -15.71 8.45 4.49
C MSE C 36 -15.07 7.86 5.74
C MSE C 36 -15.05 7.92 5.73
O MSE C 36 -14.02 7.21 5.70
O MSE C 36 -13.93 7.41 5.69
CB MSE C 36 -15.28 9.83 4.18
CB MSE C 36 -15.49 9.97 4.38
CG MSE C 36 -15.71 10.37 2.80
CG MSE C 36 -14.24 10.38 3.59
SE MSE C 36 -14.78 9.46 1.32
SE MSE C 36 -13.91 12.31 3.84
CE MSE C 36 -16.44 8.69 0.52
CE MSE C 36 -13.51 12.19 5.77
N LYS C 37 -15.73 8.06 6.88
CA LYS C 37 -15.25 7.53 8.16
C LYS C 37 -15.24 6.00 8.14
N ASP C 38 -16.32 5.41 7.63
CA ASP C 38 -16.44 3.95 7.58
C ASP C 38 -15.33 3.34 6.70
N ILE C 39 -15.05 3.99 5.59
CA ILE C 39 -13.99 3.52 4.72
C ILE C 39 -12.65 3.52 5.47
N GLU C 40 -12.33 4.62 6.16
CA GLU C 40 -11.05 4.67 6.88
C GLU C 40 -11.04 3.51 7.89
N ALA C 41 -12.12 3.35 8.63
CA ALA C 41 -12.21 2.27 9.63
C ALA C 41 -11.95 0.90 9.07
N ILE C 42 -12.41 0.67 7.85
CA ILE C 42 -12.22 -0.64 7.20
C ILE C 42 -10.77 -0.83 6.80
N LYS C 43 -10.16 0.18 6.22
CA LYS C 43 -8.73 0.13 5.95
C LYS C 43 -7.93 -0.12 7.24
N GLU C 44 -8.27 0.59 8.31
CA GLU C 44 -7.59 0.37 9.60
C GLU C 44 -7.80 -1.06 10.07
N LEU C 45 -9.02 -1.58 9.88
CA LEU C 45 -9.33 -2.95 10.27
C LEU C 45 -8.40 -3.92 9.57
N LYS C 46 -8.33 -3.79 8.27
CA LYS C 46 -7.56 -4.72 7.48
C LYS C 46 -6.04 -4.58 7.82
N GLY C 47 -5.59 -3.37 8.12
CA GLY C 47 -4.22 -3.18 8.59
C GLY C 47 -3.89 -3.95 9.86
N LYS C 48 -4.81 -3.89 10.82
CA LYS C 48 -4.73 -4.69 12.05
C LYS C 48 -4.74 -6.19 11.76
N TYR C 49 -5.60 -6.60 10.83
CA TYR C 49 -5.67 -8.02 10.48
C TYR C 49 -4.32 -8.55 10.01
N PHE C 50 -3.71 -7.88 9.05
CA PHE C 50 -2.43 -8.34 8.55
C PHE C 50 -1.37 -8.31 9.63
N ARG C 51 -1.33 -7.22 10.39
CA ARG C 51 -0.32 -7.06 11.42
C ARG C 51 -0.40 -8.21 12.43
N CYS C 52 -1.62 -8.50 12.89
CA CYS C 52 -1.82 -9.56 13.87
C CYS C 52 -1.52 -10.95 13.32
N LEU C 53 -1.85 -11.16 12.05
CA LEU C 53 -1.57 -12.45 11.37
C LEU C 53 -0.08 -12.76 11.23
N ASP C 54 0.65 -11.76 10.79
CA ASP C 54 2.05 -11.94 10.48
C ASP C 54 2.92 -11.93 11.70
N GLY C 55 2.42 -11.31 12.74
CA GLY C 55 3.04 -11.34 14.05
C GLY C 55 2.40 -12.31 15.03
N LYS C 56 1.50 -13.15 14.54
CA LYS C 56 1.01 -14.28 15.31
C LYS C 56 0.36 -13.92 16.66
N MSE C 57 -0.23 -12.72 16.74
CA MSE C 57 -0.98 -12.31 17.92
C MSE C 57 -2.41 -12.75 17.72
O MSE C 57 -3.26 -11.99 17.28
CB MSE C 57 -0.84 -10.81 18.13
CG MSE C 57 0.54 -10.48 18.65
SE MSE C 57 1.00 -8.82 17.71
CE MSE C 57 2.69 -8.59 18.71
N TRP C 58 -2.68 -14.00 18.04
CA TRP C 58 -3.93 -14.65 17.63
C TRP C 58 -5.15 -14.13 18.36
N ASP C 59 -5.01 -13.87 19.64
CA ASP C 59 -6.11 -13.29 20.40
C ASP C 59 -6.55 -11.94 19.84
N GLU C 60 -5.57 -11.09 19.51
CA GLU C 60 -5.85 -9.79 18.88
C GLU C 60 -6.50 -9.96 17.51
N LEU C 61 -5.99 -10.87 16.71
CA LEU C 61 -6.57 -11.14 15.40
C LEU C 61 -8.04 -11.52 15.48
N GLU C 62 -8.37 -12.36 16.47
CA GLU C 62 -9.77 -12.82 16.69
C GLU C 62 -10.73 -11.62 16.75
N THR C 63 -10.28 -10.48 17.28
CA THR C 63 -11.14 -9.29 17.41
C THR C 63 -11.51 -8.62 16.09
N THR C 64 -10.86 -9.00 14.99
CA THR C 64 -11.16 -8.40 13.69
C THR C 64 -12.26 -9.09 12.98
N LEU C 65 -12.77 -10.17 13.58
CA LEU C 65 -13.71 -11.07 12.89
C LEU C 65 -15.11 -10.95 13.46
N SER C 66 -16.09 -10.84 12.57
CA SER C 66 -17.50 -10.83 12.97
C SER C 66 -17.87 -12.10 13.71
N PRO C 67 -18.70 -12.00 14.77
CA PRO C 67 -19.27 -13.22 15.37
C PRO C 67 -20.05 -14.04 14.35
N ASN C 68 -20.63 -13.38 13.36
CA ASN C 68 -21.43 -14.05 12.32
C ASN C 68 -20.62 -14.55 11.12
N ILE C 69 -19.31 -14.52 11.25
CA ILE C 69 -18.40 -14.89 10.17
C ILE C 69 -18.69 -16.26 9.61
N VAL C 70 -18.54 -16.36 8.29
CA VAL C 70 -18.61 -17.61 7.55
C VAL C 70 -17.63 -17.48 6.38
N THR C 71 -16.59 -18.32 6.37
CA THR C 71 -15.63 -18.33 5.27
C THR C 71 -14.99 -19.70 5.13
N SER C 72 -14.32 -19.95 4.01
CA SER C 72 -13.85 -21.30 3.66
C SER C 72 -12.38 -21.35 3.20
N TYR C 73 -11.82 -22.56 3.22
CA TYR C 73 -10.40 -22.85 2.98
C TYR C 73 -10.20 -24.30 2.41
N SER C 74 -8.95 -24.66 2.05
CA SER C 74 -8.58 -25.94 1.35
C SER C 74 -9.40 -26.19 0.06
N ASN C 75 -9.55 -25.11 -0.71
CA ASN C 75 -10.36 -25.09 -1.94
C ASN C 75 -11.86 -25.35 -1.70
N GLY C 76 -12.42 -24.73 -0.67
CA GLY C 76 -13.79 -24.99 -0.24
C GLY C 76 -14.00 -26.26 0.58
N LYS C 77 -12.96 -27.10 0.74
CA LYS C 77 -13.11 -28.34 1.53
C LYS C 77 -13.46 -28.04 3.03
N LEU C 78 -12.88 -26.99 3.62
CA LEU C 78 -13.10 -26.62 5.05
C LEU C 78 -13.83 -25.27 5.21
N VAL C 79 -14.94 -25.24 5.97
CA VAL C 79 -15.76 -24.03 6.21
C VAL C 79 -15.96 -23.79 7.71
N PHE C 80 -15.67 -22.56 8.16
CA PHE C 80 -15.69 -22.18 9.59
C PHE C 80 -16.75 -21.13 9.88
N HIS C 81 -17.36 -21.22 11.07
CA HIS C 81 -18.57 -20.47 11.41
C HIS C 81 -18.45 -19.50 12.60
N SER C 82 -17.27 -19.38 13.21
CA SER C 82 -17.03 -18.37 14.28
C SER C 82 -15.60 -17.79 14.29
N PRO C 83 -15.38 -16.70 15.07
CA PRO C 83 -14.00 -16.19 15.17
C PRO C 83 -13.04 -17.20 15.80
N LYS C 84 -13.47 -17.85 16.90
CA LYS C 84 -12.70 -18.95 17.51
C LYS C 84 -12.22 -19.92 16.45
N GLU C 85 -13.16 -20.44 15.69
CA GLU C 85 -12.91 -21.50 14.71
C GLU C 85 -11.89 -21.08 13.66
N VAL C 86 -11.97 -19.84 13.23
CA VAL C 86 -11.11 -19.35 12.15
C VAL C 86 -9.69 -19.07 12.64
N THR C 87 -9.60 -18.36 13.75
CA THR C 87 -8.32 -18.05 14.36
C THR C 87 -7.57 -19.36 14.66
N ASP C 88 -8.21 -20.30 15.38
CA ASP C 88 -7.68 -21.65 15.61
C ASP C 88 -7.04 -22.21 14.34
N TYR C 89 -7.77 -22.08 13.22
CA TYR C 89 -7.34 -22.66 11.95
C TYR C 89 -6.12 -21.98 11.38
N LEU C 90 -6.19 -20.67 11.21
CA LEU C 90 -5.05 -19.92 10.71
C LEU C 90 -3.77 -20.22 11.49
N LYS C 91 -3.90 -20.19 12.81
CA LYS C 91 -2.82 -20.55 13.72
C LYS C 91 -2.20 -21.90 13.33
N SER C 92 -3.04 -22.86 12.94
CA SER C 92 -2.53 -24.19 12.56
C SER C 92 -1.71 -24.14 11.28
N THR C 93 -2.02 -23.20 10.39
CA THR C 93 -1.28 -23.05 9.14
C THR C 93 -0.11 -22.07 9.23
N MSE C 94 0.11 -21.47 10.40
CA MSE C 94 1.10 -20.38 10.59
C MSE C 94 1.93 -20.56 11.85
O MSE C 94 1.97 -19.68 12.72
CB MSE C 94 0.33 -19.06 10.66
CG MSE C 94 -0.41 -18.64 9.41
SE MSE C 94 0.97 -17.93 8.21
CE MSE C 94 0.03 -18.70 6.66
N PRO C 95 2.64 -21.70 11.98
CA PRO C 95 3.43 -21.94 13.20
C PRO C 95 4.69 -21.06 13.30
N LYS C 96 5.28 -21.02 14.50
CA LYS C 96 6.52 -20.27 14.80
C LYS C 96 7.58 -20.41 13.68
N GLU C 97 7.76 -21.63 13.18
CA GLU C 97 8.76 -21.95 12.14
C GLU C 97 8.58 -21.19 10.82
N GLU C 98 7.39 -20.64 10.61
CA GLU C 98 7.01 -20.01 9.36
C GLU C 98 6.90 -18.49 9.52
N ILE C 99 7.80 -17.76 8.87
CA ILE C 99 7.70 -16.30 8.76
C ILE C 99 6.71 -15.96 7.65
N SER C 100 5.73 -15.11 7.96
CA SER C 100 4.69 -14.74 6.99
C SER C 100 4.77 -13.27 6.81
N MSE C 101 4.60 -12.82 5.58
CA MSE C 101 4.31 -11.43 5.24
C MSE C 101 3.18 -11.41 4.26
O MSE C 101 3.32 -11.89 3.15
CB MSE C 101 5.57 -10.73 4.67
CG MSE C 101 6.45 -10.32 5.84
SE MSE C 101 7.88 -9.21 5.15
CE MSE C 101 6.95 -7.57 4.78
N HIS C 102 2.05 -10.84 4.68
CA HIS C 102 0.88 -10.64 3.83
C HIS C 102 0.69 -9.14 3.64
N MSE C 103 1.04 -8.65 2.47
CA MSE C 103 1.21 -7.23 2.26
C MSE C 103 0.08 -6.73 1.43
O MSE C 103 -0.07 -7.16 0.30
CB MSE C 103 2.56 -7.05 1.60
CG MSE C 103 3.64 -7.19 2.68
SE MSE C 103 5.38 -7.34 1.81
CE MSE C 103 5.13 -9.10 0.97
N GLY C 104 -0.71 -5.80 1.97
CA GLY C 104 -1.89 -5.27 1.27
C GLY C 104 -1.63 -4.01 0.47
N HIS C 105 -2.24 -3.91 -0.72
CA HIS C 105 -2.11 -2.75 -1.60
C HIS C 105 -3.41 -2.26 -2.23
N THR C 106 -3.41 -0.98 -2.62
CA THR C 106 -4.44 -0.36 -3.50
C THR C 106 -5.87 -0.84 -3.31
N PRO C 107 -6.45 -0.54 -2.12
CA PRO C 107 -7.78 -1.05 -1.82
C PRO C 107 -8.86 -0.32 -2.54
N GLU C 108 -9.96 -1.01 -2.79
CA GLU C 108 -11.17 -0.45 -3.37
C GLU C 108 -12.35 -0.81 -2.45
N ILE C 109 -12.74 0.15 -1.62
CA ILE C 109 -13.78 -0.07 -0.63
C ILE C 109 -15.07 0.61 -1.11
N THR C 110 -16.18 -0.05 -0.85
CA THR C 110 -17.50 0.41 -1.23
C THR C 110 -18.45 0.20 -0.05
N ILE C 111 -19.10 1.27 0.40
CA ILE C 111 -20.05 1.15 1.50
C ILE C 111 -21.42 0.81 0.93
N ASP C 112 -21.87 -0.41 1.18
CA ASP C 112 -23.08 -0.94 0.56
C ASP C 112 -24.32 -0.49 1.32
N SER C 113 -24.19 -0.32 2.64
CA SER C 113 -25.25 0.23 3.48
C SER C 113 -24.62 0.86 4.69
N GLU C 114 -25.43 1.38 5.60
CA GLU C 114 -24.88 1.97 6.83
C GLU C 114 -24.14 0.94 7.70
N THR C 115 -24.41 -0.35 7.50
CA THR C 115 -23.78 -1.42 8.29
C THR C 115 -23.12 -2.53 7.49
N THR C 116 -23.07 -2.43 6.16
CA THR C 116 -22.34 -3.42 5.37
C THR C 116 -21.43 -2.78 4.36
N ALA C 117 -20.38 -3.50 3.98
CA ALA C 117 -19.46 -3.04 2.96
C ALA C 117 -18.70 -4.15 2.27
N THR C 118 -18.17 -3.80 1.09
CA THR C 118 -17.35 -4.68 0.29
C THR C 118 -15.99 -4.03 0.04
N GLY C 119 -14.93 -4.82 0.11
CA GLY C 119 -13.58 -4.32 -0.18
C GLY C 119 -12.76 -5.27 -1.03
N ARG C 120 -12.06 -4.71 -2.02
CA ARG C 120 -11.09 -5.45 -2.81
C ARG C 120 -9.71 -5.05 -2.33
N TRP C 121 -8.81 -6.01 -2.28
CA TRP C 121 -7.43 -5.77 -1.88
C TRP C 121 -6.50 -6.51 -2.83
N TYR C 122 -5.30 -5.95 -3.01
CA TYR C 122 -4.23 -6.55 -3.79
C TYR C 122 -3.11 -7.02 -2.83
N LEU C 123 -2.94 -8.34 -2.71
CA LEU C 123 -1.98 -8.96 -1.80
C LEU C 123 -0.75 -9.48 -2.52
N GLU C 124 0.46 -9.12 -2.07
CA GLU C 124 1.70 -9.87 -2.35
C GLU C 124 1.89 -10.66 -1.06
N ASP C 125 2.29 -11.91 -1.17
CA ASP C 125 2.56 -12.71 0.01
C ASP C 125 3.88 -13.44 -0.12
N LYS C 126 4.42 -13.80 1.03
CA LYS C 126 5.78 -14.28 1.11
C LYS C 126 5.89 -15.13 2.38
N LEU C 127 6.28 -16.39 2.21
CA LEU C 127 6.45 -17.33 3.32
C LEU C 127 7.86 -17.85 3.30
N ILE C 128 8.46 -17.92 4.47
CA ILE C 128 9.81 -18.43 4.65
C ILE C 128 9.82 -19.35 5.88
N PHE C 129 10.28 -20.58 5.69
CA PHE C 129 10.36 -21.57 6.77
C PHE C 129 11.78 -21.62 7.29
N THR C 130 11.94 -21.49 8.62
CA THR C 130 13.27 -21.39 9.24
C THR C 130 13.78 -22.66 9.92
N ASP C 131 12.88 -23.41 10.55
CA ASP C 131 13.22 -24.66 11.24
C ASP C 131 12.19 -25.70 10.85
N GLY C 132 12.26 -26.89 11.45
CA GLY C 132 11.23 -27.92 11.23
C GLY C 132 11.31 -28.64 9.87
N LYS C 133 10.31 -29.46 9.59
CA LYS C 133 10.31 -30.37 8.43
C LYS C 133 10.39 -29.71 7.05
N TYR C 134 9.93 -28.45 6.93
CA TYR C 134 10.02 -27.73 5.67
C TYR C 134 11.07 -26.63 5.70
N LYS C 135 12.10 -26.74 6.53
CA LYS C 135 13.19 -25.73 6.57
C LYS C 135 13.70 -25.36 5.15
N ASP C 136 14.03 -24.07 4.97
CA ASP C 136 14.51 -23.50 3.69
C ASP C 136 13.46 -23.43 2.54
N VAL C 137 12.25 -23.91 2.75
CA VAL C 137 11.20 -23.78 1.74
C VAL C 137 10.74 -22.33 1.73
N GLY C 138 10.55 -21.82 0.52
CA GLY C 138 10.06 -20.47 0.31
C GLY C 138 8.81 -20.54 -0.55
N ILE C 139 7.83 -19.69 -0.25
CA ILE C 139 6.62 -19.58 -1.05
C ILE C 139 6.27 -18.12 -1.26
N ASN C 140 6.04 -17.75 -2.51
CA ASN C 140 5.64 -16.41 -2.88
C ASN C 140 4.42 -16.45 -3.75
N GLY C 141 3.63 -15.39 -3.68
CA GLY C 141 2.47 -15.27 -4.53
C GLY C 141 1.79 -13.92 -4.50
N GLY C 142 0.66 -13.88 -5.19
CA GLY C 142 -0.21 -12.73 -5.21
C GLY C 142 -1.67 -13.12 -5.32
N ALA C 143 -2.56 -12.25 -4.85
CA ALA C 143 -4.00 -12.51 -4.89
C ALA C 143 -4.81 -11.23 -4.91
N PHE C 144 -5.96 -11.31 -5.58
CA PHE C 144 -6.98 -10.27 -5.53
C PHE C 144 -8.01 -10.78 -4.54
N TYR C 145 -7.95 -10.23 -3.34
CA TYR C 145 -8.95 -10.54 -2.31
C TYR C 145 -10.21 -9.72 -2.60
N THR C 146 -11.35 -10.29 -2.25
CA THR C 146 -12.60 -9.58 -2.12
C THR C 146 -13.19 -9.93 -0.76
N ASP C 147 -13.48 -8.91 0.03
CA ASP C 147 -14.01 -9.08 1.38
C ASP C 147 -15.39 -8.48 1.53
N LYS C 148 -16.14 -8.99 2.50
CA LYS C 148 -17.35 -8.36 2.97
C LYS C 148 -17.12 -8.01 4.43
N TYR C 149 -17.62 -6.86 4.83
CA TYR C 149 -17.52 -6.38 6.19
C TYR C 149 -18.90 -6.04 6.72
N GLU C 150 -19.04 -6.06 8.04
CA GLU C 150 -20.27 -5.58 8.68
C GLU C 150 -19.96 -4.82 9.96
N LYS C 151 -20.88 -3.94 10.33
CA LYS C 151 -20.69 -3.02 11.42
C LYS C 151 -21.61 -3.41 12.56
N ILE C 152 -21.04 -3.54 13.76
CA ILE C 152 -21.80 -3.95 14.95
C ILE C 152 -21.43 -3.08 16.13
N GLU C 153 -22.43 -2.40 16.70
CA GLU C 153 -22.23 -1.43 17.78
C GLU C 153 -21.05 -0.51 17.50
N GLY C 154 -21.12 0.18 16.38
CA GLY C 154 -20.12 1.19 16.00
C GLY C 154 -18.75 0.69 15.58
N GLN C 155 -18.57 -0.62 15.46
CA GLN C 155 -17.27 -1.23 15.17
C GLN C 155 -17.39 -2.09 13.91
N TRP C 156 -16.44 -1.97 12.99
CA TRP C 156 -16.40 -2.82 11.81
C TRP C 156 -15.67 -4.16 12.05
N TYR C 157 -16.09 -5.16 11.30
CA TYR C 157 -15.65 -6.54 11.45
C TYR C 157 -15.65 -7.22 10.10
N ILE C 158 -14.70 -8.15 9.93
CA ILE C 158 -14.60 -8.94 8.72
C ILE C 158 -15.62 -10.07 8.77
N LEU C 159 -16.38 -10.20 7.69
CA LEU C 159 -17.50 -11.14 7.61
C LEU C 159 -17.26 -12.26 6.62
N GLU C 160 -16.63 -11.94 5.50
CA GLU C 160 -16.32 -12.92 4.47
C GLU C 160 -15.06 -12.46 3.79
N THR C 161 -14.25 -13.41 3.36
CA THR C 161 -12.98 -13.15 2.69
C THR C 161 -12.89 -14.23 1.62
N GLY C 162 -12.52 -13.83 0.43
CA GLY C 162 -12.36 -14.75 -0.67
C GLY C 162 -11.35 -14.10 -1.57
N TYR C 163 -10.74 -14.89 -2.45
CA TYR C 163 -9.73 -14.33 -3.33
C TYR C 163 -9.60 -15.10 -4.62
N VAL C 164 -8.92 -14.48 -5.58
CA VAL C 164 -8.44 -15.13 -6.78
C VAL C 164 -6.92 -15.12 -6.72
N ARG C 165 -6.29 -16.27 -6.86
CA ARG C 165 -4.82 -16.37 -6.94
C ARG C 165 -4.32 -15.81 -8.24
N ILE C 166 -3.33 -14.94 -8.17
CA ILE C 166 -2.67 -14.46 -9.35
C ILE C 166 -1.68 -15.56 -9.70
N TYR C 167 -0.80 -15.88 -8.76
CA TYR C 167 0.17 -16.96 -8.93
C TYR C 167 0.67 -17.43 -7.56
N GLU C 168 1.31 -18.60 -7.53
CA GLU C 168 1.98 -19.12 -6.33
C GLU C 168 3.21 -19.88 -6.82
N GLU C 169 4.37 -19.60 -6.25
CA GLU C 169 5.61 -20.30 -6.58
C GLU C 169 6.17 -20.93 -5.30
N HIS C 170 6.54 -22.22 -5.38
CA HIS C 170 7.22 -22.94 -4.30
C HIS C 170 8.67 -23.19 -4.77
N PHE C 171 9.62 -23.13 -3.83
CA PHE C 171 11.05 -23.23 -4.14
C PHE C 171 11.91 -23.46 -2.91
N MSE C 172 13.10 -24.02 -3.14
CA MSE C 172 14.09 -24.22 -2.08
C MSE C 172 14.98 -22.99 -2.03
O MSE C 172 15.55 -22.58 -3.06
CB MSE C 172 14.90 -25.50 -2.33
CG MSE C 172 14.06 -26.73 -2.01
SE MSE C 172 13.89 -26.89 -0.05
CE MSE C 172 15.66 -27.76 0.25
N ARG C 173 15.11 -22.39 -0.84
CA ARG C 173 16.00 -21.24 -0.64
C ARG C 173 17.45 -21.67 -0.48
N ASP C 174 18.36 -20.76 -0.82
CA ASP C 174 19.78 -20.99 -0.67
C ASP C 174 20.13 -21.05 0.84
N PRO C 175 20.78 -22.14 1.31
CA PRO C 175 21.20 -22.18 2.73
C PRO C 175 22.14 -21.03 3.14
N LYS C 176 23.03 -20.62 2.21
CA LYS C 176 23.97 -19.49 2.42
C LYS C 176 23.30 -18.11 2.74
N ILE C 177 21.98 -18.02 2.66
CA ILE C 177 21.24 -16.86 3.17
C ILE C 177 21.13 -16.93 4.69
N HIS C 178 21.58 -15.87 5.36
CA HIS C 178 21.47 -15.77 6.81
C HIS C 178 20.31 -14.89 7.22
N ILE C 179 19.31 -15.46 7.89
CA ILE C 179 18.24 -14.68 8.51
C ILE C 179 18.87 -14.12 9.79
N THR C 180 19.22 -12.84 9.78
CA THR C 180 19.87 -12.21 10.94
C THR C 180 18.90 -11.69 12.03
N MSE C 181 17.63 -11.49 11.72
CA MSE C 181 16.65 -11.08 12.72
C MSE C 181 15.34 -11.76 12.46
O MSE C 181 15.03 -12.11 11.33
CB MSE C 181 16.53 -9.57 12.69
CG MSE C 181 17.67 -8.93 13.47
SE MSE C 181 17.36 -7.01 13.28
CE MSE C 181 16.60 -6.75 15.09
N ASN C 182 14.58 -12.01 13.52
CA ASN C 182 13.35 -12.80 13.45
C ASN C 182 12.51 -12.67 14.72
N MSE C 183 11.37 -12.00 14.61
CA MSE C 183 10.49 -11.77 15.78
C MSE C 183 9.94 -13.04 16.42
O MSE C 183 9.44 -12.99 17.54
CB MSE C 183 9.32 -10.81 15.47
CG MSE C 183 8.36 -11.30 14.41
SE MSE C 183 6.86 -10.09 14.09
CE MSE C 183 6.24 -9.79 15.94
N HIS C 184 10.02 -14.17 15.72
CA HIS C 184 9.41 -15.42 16.16
C HIS C 184 10.39 -16.36 16.87
N LYS C 185 11.61 -16.50 16.34
CA LYS C 185 12.67 -17.24 17.05
C LYS C 185 13.01 -16.44 18.30
ZN ZN D . 4.45 -4.05 -1.56
S SO4 E . -4.71 4.38 1.53
O1 SO4 E . -4.33 5.79 1.38
O2 SO4 E . -3.53 3.52 1.27
O3 SO4 E . -5.19 4.16 2.91
O4 SO4 E . -5.83 4.11 0.59
S SO4 F . 7.41 1.10 -20.75
O1 SO4 F . 6.21 0.41 -20.20
O2 SO4 F . 7.26 1.40 -22.19
O3 SO4 F . 7.59 2.42 -20.06
O4 SO4 F . 8.56 0.16 -20.58
S SO4 G . 6.37 17.13 -4.41
O1 SO4 G . 6.80 17.28 -2.98
O2 SO4 G . 5.14 16.29 -4.54
O3 SO4 G . 6.07 18.43 -5.06
O4 SO4 G . 7.50 16.52 -5.16
S SO4 H . -15.73 -4.10 -9.87
O1 SO4 H . -15.08 -3.17 -10.85
O2 SO4 H . -15.74 -5.48 -10.41
O3 SO4 H . -17.11 -3.65 -9.60
O4 SO4 H . -15.04 -4.11 -8.55
S SO4 I . 18.88 0.85 13.20
O1 SO4 I . 19.70 2.05 12.93
O2 SO4 I . 18.66 0.73 14.68
O3 SO4 I . 17.57 1.04 12.55
O4 SO4 I . 19.64 -0.30 12.61
S SO4 J . -3.58 -1.71 18.48
O1 SO4 J . -4.92 -1.75 17.81
O2 SO4 J . -3.67 -1.08 19.81
O3 SO4 J . -2.63 -0.88 17.69
O4 SO4 J . -3.11 -3.12 18.64
S SO4 K . 12.47 -11.73 -4.20
O1 SO4 K . 13.60 -10.76 -4.26
O2 SO4 K . 12.82 -12.86 -3.30
O3 SO4 K . 11.24 -11.01 -3.72
O4 SO4 K . 12.24 -12.26 -5.56
S SO4 L . -7.59 -21.71 0.87
O1 SO4 L . -7.24 -22.25 2.19
O2 SO4 L . -6.31 -21.50 0.14
O3 SO4 L . -8.33 -20.43 1.04
O4 SO4 L . -8.46 -22.66 0.13
#